data_4ZDX
#
_entry.id   4ZDX
#
_cell.length_a   131.111
_cell.length_b   131.111
_cell.length_c   67.525
_cell.angle_alpha   90.00
_cell.angle_beta   90.00
_cell.angle_gamma   90.00
#
_symmetry.space_group_name_H-M   'I 4 2 2'
#
loop_
_entity.id
_entity.type
_entity.pdbx_description
1 polymer Beta-lactamase
2 non-polymer 2-[2-(2-METHOXY-ETHOXY)-ETHOXY]-ETHOXYL
3 non-polymer GLYCEROL
4 water water
#
_entity_poly.entity_id   1
_entity_poly.type   'polypeptide(L)'
_entity_poly.pdbx_seq_one_letter_code
;MNIKTLLLITSAIFISACSPYIVTANPNHSASKSDEKAEKIKNLFNEVHTTGVLVIQQGQTQQSYGNDLARASTEYVPAS
TF(KCX)MLNALIGLEHHKATTTEVFKWDGQKRLFPEWEKDMTLGDAMKASAIPVYQDLARRIGLELMSKEVKRVGYGNA
DIGTQVDNFWLVGPLKITPQQEAQFAYKLANKTLPFSPKVQDEVQSMLFIEEKNGNKIYAKSGWGWDVDPQVGWLTGWVV
QPQGNIVAFSLNLEMKKGIPSSVRKEITYKSLEQLGIL
;
_entity_poly.pdbx_strand_id   A
#
# COMPACT_ATOMS: atom_id res chain seq x y z
N SER A 34 -3.31 -6.36 24.96
CA SER A 34 -2.93 -5.79 26.24
C SER A 34 -2.02 -4.57 26.06
N ASP A 35 -1.17 -4.31 27.05
CA ASP A 35 -0.20 -3.22 26.98
C ASP A 35 1.21 -3.79 27.09
N GLU A 36 1.29 -5.02 27.59
CA GLU A 36 2.47 -5.85 27.45
C GLU A 36 2.89 -5.84 25.98
N LYS A 37 1.90 -6.08 25.13
CA LYS A 37 2.10 -6.14 23.67
C LYS A 37 2.32 -4.75 23.07
N ALA A 38 1.46 -3.80 23.45
CA ALA A 38 1.56 -2.45 22.92
C ALA A 38 2.92 -1.81 23.19
N GLU A 39 3.49 -2.03 24.37
CA GLU A 39 4.77 -1.39 24.71
C GLU A 39 5.91 -2.02 23.93
N LYS A 40 5.83 -3.32 23.69
CA LYS A 40 6.79 -4.01 22.86
C LYS A 40 6.82 -3.45 21.44
N ILE A 41 5.66 -3.07 20.93
CA ILE A 41 5.56 -2.55 19.56
C ILE A 41 6.07 -1.11 19.49
N LYS A 42 5.71 -0.29 20.47
CA LYS A 42 6.25 1.05 20.58
C LYS A 42 7.78 1.01 20.57
N ASN A 43 8.32 0.07 21.34
CA ASN A 43 9.76 -0.07 21.45
C ASN A 43 10.40 -0.46 20.13
N LEU A 44 9.66 -1.13 19.25
CA LEU A 44 10.16 -1.48 17.93
C LEU A 44 10.51 -0.22 17.13
N PHE A 45 9.62 0.76 17.18
CA PHE A 45 9.86 2.01 16.47
C PHE A 45 10.98 2.78 17.14
N ASN A 46 11.00 2.76 18.47
CA ASN A 46 12.03 3.45 19.24
C ASN A 46 13.44 2.98 18.86
N GLU A 47 13.65 1.69 18.70
CA GLU A 47 14.97 1.13 18.41
C GLU A 47 15.59 1.67 17.12
N VAL A 48 14.75 1.97 16.15
CA VAL A 48 15.23 2.42 14.85
C VAL A 48 15.22 3.96 14.79
N HIS A 49 14.90 4.56 15.93
CA HIS A 49 15.01 6.01 16.11
C HIS A 49 14.18 6.81 15.10
N THR A 50 12.98 6.34 14.81
CA THR A 50 12.04 7.16 14.05
C THR A 50 10.66 7.09 14.70
N THR A 51 9.72 7.87 14.18
CA THR A 51 8.35 7.82 14.67
C THR A 51 7.49 7.00 13.71
N GLY A 52 6.60 6.19 14.27
CA GLY A 52 5.73 5.38 13.44
C GLY A 52 4.48 4.89 14.15
N VAL A 53 3.58 4.33 13.35
CA VAL A 53 2.33 3.78 13.83
C VAL A 53 2.01 2.52 13.02
N LEU A 54 1.32 1.58 13.67
CA LEU A 54 0.78 0.41 12.99
C LEU A 54 -0.71 0.33 13.30
N VAL A 55 -1.54 0.43 12.26
CA VAL A 55 -2.98 0.28 12.39
C VAL A 55 -3.39 -1.13 11.98
N ILE A 56 -4.17 -1.78 12.85
CA ILE A 56 -4.67 -3.12 12.61
C ILE A 56 -6.17 -3.08 12.56
N GLN A 57 -6.76 -3.75 11.58
CA GLN A 57 -8.22 -3.81 11.50
C GLN A 57 -8.74 -5.23 11.44
N GLN A 58 -9.66 -5.56 12.35
CA GLN A 58 -10.35 -6.83 12.31
C GLN A 58 -11.84 -6.54 12.40
N GLY A 59 -12.65 -7.20 11.58
CA GLY A 59 -14.06 -6.82 11.51
C GLY A 59 -14.13 -5.33 11.23
N GLN A 60 -14.89 -4.60 12.03
CA GLN A 60 -14.98 -3.15 11.87
C GLN A 60 -14.28 -2.41 13.01
N THR A 61 -13.36 -3.09 13.68
CA THR A 61 -12.62 -2.49 14.80
C THR A 61 -11.17 -2.22 14.41
N GLN A 62 -10.68 -1.02 14.69
CA GLN A 62 -9.27 -0.71 14.43
C GLN A 62 -8.52 -0.48 15.73
N GLN A 63 -7.26 -0.87 15.75
CA GLN A 63 -6.36 -0.54 16.85
C GLN A 63 -5.05 0.03 16.33
N SER A 64 -4.49 0.98 17.07
CA SER A 64 -3.21 1.59 16.69
C SER A 64 -2.11 1.22 17.68
N TYR A 65 -0.94 0.92 17.14
CA TYR A 65 0.25 0.64 17.93
C TYR A 65 1.44 1.44 17.40
N GLY A 66 2.48 1.59 18.22
CA GLY A 66 3.67 2.33 17.82
C GLY A 66 4.00 3.45 18.80
N ASN A 67 5.00 4.25 18.46
CA ASN A 67 5.42 5.32 19.38
C ASN A 67 4.92 6.71 18.98
N ASP A 68 4.07 6.79 17.97
CA ASP A 68 3.40 8.06 17.64
C ASP A 68 1.99 7.77 17.11
N LEU A 69 1.08 7.47 18.03
CA LEU A 69 -0.27 7.03 17.66
C LEU A 69 -1.03 8.05 16.82
N ALA A 70 -0.63 9.32 16.91
CA ALA A 70 -1.30 10.39 16.17
C ALA A 70 -1.08 10.29 14.66
N ARG A 71 -0.06 9.56 14.24
CA ARG A 71 0.18 9.37 12.81
C ARG A 71 -1.00 8.64 12.18
N ALA A 72 -1.68 7.82 12.97
CA ALA A 72 -2.75 6.98 12.47
C ALA A 72 -3.84 7.80 11.78
N SER A 73 -4.10 9.01 12.29
CA SER A 73 -5.12 9.87 11.70
C SER A 73 -4.52 11.08 10.97
N THR A 74 -3.23 10.99 10.63
CA THR A 74 -2.55 12.05 9.87
C THR A 74 -2.50 11.67 8.38
N GLU A 75 -2.67 12.66 7.50
CA GLU A 75 -2.62 12.45 6.06
C GLU A 75 -1.18 12.49 5.52
N TYR A 76 -0.82 11.50 4.69
CA TYR A 76 0.45 11.49 3.98
C TYR A 76 0.23 11.10 2.52
N VAL A 77 1.19 11.39 1.65
CA VAL A 77 1.06 10.91 0.28
C VAL A 77 1.12 9.39 0.35
N PRO A 78 0.30 8.71 -0.47
CA PRO A 78 0.28 7.24 -0.44
C PRO A 78 1.53 6.63 -1.06
N ALA A 79 2.24 7.39 -1.88
CA ALA A 79 3.35 6.85 -2.66
C ALA A 79 2.89 5.56 -3.34
N SER A 80 3.74 4.53 -3.34
CA SER A 80 3.42 3.37 -4.16
C SER A 80 2.27 2.50 -3.63
N THR A 81 1.75 2.78 -2.42
CA THR A 81 0.55 2.03 -2.01
C THR A 81 -0.61 2.37 -2.95
N PHE A 82 -0.53 3.51 -3.63
CA PHE A 82 -1.60 3.89 -4.55
C PHE A 82 -1.75 2.92 -5.73
N MET A 84 -2.32 -0.10 -5.74
CA MET A 84 -3.49 -0.93 -5.52
C MET A 84 -4.75 -0.37 -6.19
N LEU A 85 -4.99 0.93 -6.01
CA LEU A 85 -6.19 1.55 -6.57
C LEU A 85 -6.01 1.85 -8.06
N ASN A 86 -4.80 2.27 -8.44
CA ASN A 86 -4.45 2.46 -9.84
C ASN A 86 -4.78 1.19 -10.66
N ALA A 87 -4.35 0.04 -10.15
CA ALA A 87 -4.62 -1.25 -10.79
C ALA A 87 -6.11 -1.55 -10.85
N LEU A 88 -6.83 -1.33 -9.73
CA LEU A 88 -8.27 -1.56 -9.71
C LEU A 88 -9.00 -0.75 -10.78
N ILE A 89 -8.71 0.55 -10.81
CA ILE A 89 -9.34 1.45 -11.80
C ILE A 89 -8.97 1.02 -13.23
N GLY A 90 -7.69 0.76 -13.47
CA GLY A 90 -7.21 0.36 -14.78
C GLY A 90 -7.87 -0.91 -15.28
N LEU A 91 -7.95 -1.92 -14.41
CA LEU A 91 -8.56 -3.19 -14.78
C LEU A 91 -10.08 -3.06 -14.96
N GLU A 92 -10.72 -2.31 -14.06
CA GLU A 92 -12.17 -2.17 -14.14
C GLU A 92 -12.59 -1.59 -15.49
N HIS A 93 -11.86 -0.58 -15.95
CA HIS A 93 -12.27 0.11 -17.17
C HIS A 93 -11.50 -0.37 -18.40
N HIS A 94 -10.90 -1.55 -18.27
CA HIS A 94 -10.24 -2.21 -19.40
C HIS A 94 -9.14 -1.35 -20.04
N LYS A 95 -8.43 -0.54 -19.25
CA LYS A 95 -7.34 0.28 -19.80
C LYS A 95 -6.03 -0.54 -19.89
N ALA A 96 -6.02 -1.68 -19.22
CA ALA A 96 -4.88 -2.60 -19.26
C ALA A 96 -5.36 -3.99 -18.88
N THR A 97 -4.57 -5.01 -19.19
CA THR A 97 -4.85 -6.36 -18.75
C THR A 97 -3.73 -6.85 -17.84
N THR A 98 -3.95 -7.96 -17.15
CA THR A 98 -2.95 -8.53 -16.27
C THR A 98 -1.89 -9.32 -17.03
N THR A 99 -2.15 -9.60 -18.32
CA THR A 99 -1.21 -10.40 -19.11
C THR A 99 -0.38 -9.58 -20.10
N GLU A 100 -0.79 -8.34 -20.39
CA GLU A 100 -0.06 -7.58 -21.39
C GLU A 100 1.28 -7.14 -20.81
N VAL A 101 2.22 -6.88 -21.71
CA VAL A 101 3.57 -6.50 -21.31
C VAL A 101 3.81 -5.01 -21.54
N PHE A 102 4.14 -4.28 -20.48
CA PHE A 102 4.53 -2.89 -20.62
C PHE A 102 6.01 -2.83 -21.00
N LYS A 103 6.27 -2.43 -22.24
CA LYS A 103 7.62 -2.43 -22.78
C LYS A 103 8.50 -1.37 -22.12
N TRP A 104 9.76 -1.71 -21.92
CA TRP A 104 10.77 -0.76 -21.49
C TRP A 104 11.32 -0.03 -22.71
N ASP A 105 11.30 1.30 -22.68
CA ASP A 105 11.73 2.08 -23.84
C ASP A 105 13.25 2.12 -23.98
N GLY A 106 13.95 1.67 -22.94
CA GLY A 106 15.40 1.67 -22.99
C GLY A 106 16.07 2.81 -22.24
N GLN A 107 15.29 3.81 -21.84
CA GLN A 107 15.83 4.90 -21.04
C GLN A 107 16.20 4.40 -19.65
N LYS A 108 17.27 4.93 -19.08
CA LYS A 108 17.66 4.54 -17.74
C LYS A 108 16.56 4.89 -16.73
N ARG A 109 16.30 3.98 -15.79
CA ARG A 109 15.30 4.21 -14.75
C ARG A 109 15.99 4.29 -13.40
N LEU A 110 15.23 4.59 -12.36
CA LEU A 110 15.80 4.79 -11.01
C LEU A 110 16.52 3.56 -10.47
N PHE A 111 16.01 2.37 -10.78
CA PHE A 111 16.62 1.13 -10.32
C PHE A 111 16.80 0.20 -11.49
N PRO A 112 17.90 -0.58 -11.49
CA PRO A 112 18.12 -1.53 -12.58
C PRO A 112 17.02 -2.58 -12.68
N GLU A 113 16.40 -2.94 -11.56
CA GLU A 113 15.30 -3.90 -11.56
C GLU A 113 14.12 -3.44 -12.41
N TRP A 114 13.98 -2.13 -12.59
CA TRP A 114 12.88 -1.57 -13.38
C TRP A 114 13.18 -1.56 -14.88
N GLU A 115 14.40 -1.89 -15.25
CA GLU A 115 14.81 -1.73 -16.64
C GLU A 115 14.58 -2.98 -17.46
N LYS A 116 13.30 -3.32 -17.60
CA LYS A 116 12.88 -4.51 -18.35
C LYS A 116 11.40 -4.37 -18.64
N ASP A 117 10.93 -5.14 -19.62
CA ASP A 117 9.51 -5.29 -19.87
C ASP A 117 8.84 -5.90 -18.64
N MET A 118 7.65 -5.45 -18.29
CA MET A 118 6.94 -6.12 -17.23
C MET A 118 5.42 -6.02 -17.34
N THR A 119 4.77 -6.97 -16.67
CA THR A 119 3.32 -6.96 -16.52
C THR A 119 2.94 -6.08 -15.34
N LEU A 120 1.65 -5.79 -15.19
CA LEU A 120 1.22 -5.00 -14.04
C LEU A 120 1.61 -5.69 -12.73
N GLY A 121 1.56 -7.02 -12.73
CA GLY A 121 1.89 -7.79 -11.56
C GLY A 121 3.37 -7.71 -11.26
N ASP A 122 4.20 -7.79 -12.31
CA ASP A 122 5.65 -7.67 -12.13
C ASP A 122 5.94 -6.33 -11.53
N ALA A 123 5.31 -5.33 -12.10
CA ALA A 123 5.58 -3.95 -11.72
C ALA A 123 5.02 -3.65 -10.32
N MET A 124 3.96 -4.34 -9.93
CA MET A 124 3.42 -4.20 -8.56
C MET A 124 4.46 -4.68 -7.55
N LYS A 125 4.99 -5.86 -7.77
CA LYS A 125 5.98 -6.45 -6.87
C LYS A 125 7.27 -5.62 -6.78
N ALA A 126 7.70 -5.05 -7.90
CA ALA A 126 8.92 -4.26 -7.95
C ALA A 126 8.71 -2.79 -7.62
N SER A 127 7.46 -2.42 -7.31
CA SER A 127 7.04 -1.03 -7.23
C SER A 127 7.55 -0.18 -8.41
N ALA A 128 7.48 -0.72 -9.63
CA ALA A 128 7.99 -0.01 -10.81
C ALA A 128 7.08 1.18 -11.18
N ILE A 129 7.38 2.32 -10.58
CA ILE A 129 6.67 3.58 -10.83
C ILE A 129 6.41 3.92 -12.31
N PRO A 130 7.44 3.84 -13.20
CA PRO A 130 7.18 4.23 -14.59
C PRO A 130 6.06 3.44 -15.25
N VAL A 131 5.89 2.19 -14.84
CA VAL A 131 4.86 1.36 -15.42
C VAL A 131 3.48 1.87 -15.02
N TYR A 132 3.33 2.22 -13.74
CA TYR A 132 2.04 2.68 -13.26
C TYR A 132 1.76 4.13 -13.63
N GLN A 133 2.80 4.87 -14.00
CA GLN A 133 2.61 6.19 -14.61
C GLN A 133 2.02 6.03 -16.02
N ASP A 134 2.52 5.05 -16.75
CA ASP A 134 1.95 4.67 -18.04
C ASP A 134 0.46 4.34 -17.85
N LEU A 135 0.16 3.50 -16.87
CA LEU A 135 -1.24 3.14 -16.61
C LEU A 135 -2.09 4.37 -16.28
N ALA A 136 -1.56 5.24 -15.43
CA ALA A 136 -2.28 6.45 -15.03
C ALA A 136 -2.63 7.30 -16.26
N ARG A 137 -1.68 7.44 -17.18
CA ARG A 137 -1.94 8.21 -18.39
C ARG A 137 -2.99 7.57 -19.27
N ARG A 138 -2.99 6.24 -19.32
CA ARG A 138 -4.03 5.53 -20.07
C ARG A 138 -5.42 5.83 -19.50
N ILE A 139 -5.53 5.80 -18.18
CA ILE A 139 -6.78 6.12 -17.49
C ILE A 139 -7.16 7.58 -17.74
N GLY A 140 -6.18 8.47 -17.60
CA GLY A 140 -6.39 9.88 -17.86
C GLY A 140 -6.97 10.60 -16.65
N LEU A 141 -6.75 11.91 -16.60
CA LEU A 141 -7.10 12.74 -15.45
C LEU A 141 -8.58 12.68 -15.10
N GLU A 142 -9.45 12.77 -16.11
CA GLU A 142 -10.88 12.83 -15.84
C GLU A 142 -11.41 11.56 -15.22
N LEU A 143 -11.13 10.42 -15.83
CA LEU A 143 -11.57 9.14 -15.27
C LEU A 143 -10.92 8.89 -13.89
N MET A 144 -9.64 9.17 -13.78
CA MET A 144 -8.92 8.91 -12.53
C MET A 144 -9.56 9.69 -11.38
N SER A 145 -9.80 10.97 -11.61
CA SER A 145 -10.41 11.84 -10.60
C SER A 145 -11.79 11.35 -10.18
N LYS A 146 -12.61 11.02 -11.17
CA LYS A 146 -13.95 10.51 -10.90
C LYS A 146 -13.89 9.25 -10.05
N GLU A 147 -12.96 8.36 -10.39
CA GLU A 147 -12.92 7.07 -9.72
C GLU A 147 -12.36 7.23 -8.31
N VAL A 148 -11.31 8.02 -8.18
CA VAL A 148 -10.74 8.30 -6.86
C VAL A 148 -11.82 8.92 -5.93
N LYS A 149 -12.64 9.83 -6.47
CA LYS A 149 -13.72 10.40 -5.69
C LYS A 149 -14.83 9.39 -5.37
N ARG A 150 -15.20 8.59 -6.36
CA ARG A 150 -16.26 7.60 -6.19
C ARG A 150 -15.91 6.60 -5.09
N VAL A 151 -14.63 6.23 -5.02
CA VAL A 151 -14.17 5.28 -4.00
C VAL A 151 -13.98 6.00 -2.64
N GLY A 152 -13.75 7.30 -2.68
CA GLY A 152 -13.52 8.07 -1.48
C GLY A 152 -12.16 7.80 -0.87
N TYR A 153 -11.14 7.74 -1.71
CA TYR A 153 -9.80 7.40 -1.28
C TYR A 153 -9.05 8.62 -0.71
N GLY A 154 -8.69 8.57 0.57
CA GLY A 154 -8.00 9.67 1.22
C GLY A 154 -8.73 10.99 1.14
N ASN A 155 -8.04 12.06 0.73
CA ASN A 155 -8.71 13.34 0.53
C ASN A 155 -9.27 13.44 -0.88
N ALA A 156 -9.11 12.37 -1.66
CA ALA A 156 -9.70 12.22 -2.99
C ALA A 156 -9.36 13.38 -3.93
N ASP A 157 -8.18 13.96 -3.75
CA ASP A 157 -7.77 15.10 -4.58
C ASP A 157 -6.48 14.77 -5.37
N ILE A 158 -6.61 14.65 -6.69
CA ILE A 158 -5.47 14.26 -7.49
C ILE A 158 -4.87 15.44 -8.25
N GLY A 159 -5.46 16.63 -8.07
CA GLY A 159 -4.95 17.80 -8.73
C GLY A 159 -5.00 17.69 -10.24
N THR A 160 -3.99 18.23 -10.93
CA THR A 160 -4.02 18.33 -12.38
C THR A 160 -2.95 17.52 -13.09
N GLN A 161 -2.08 16.86 -12.33
CA GLN A 161 -0.99 16.10 -12.92
C GLN A 161 -1.24 14.59 -12.74
N VAL A 162 -1.66 13.93 -13.80
CA VAL A 162 -2.19 12.57 -13.69
C VAL A 162 -1.13 11.52 -13.35
N ASP A 163 0.14 11.79 -13.58
CA ASP A 163 1.15 10.74 -13.40
C ASP A 163 2.12 10.92 -12.22
N ASN A 164 1.78 11.76 -11.24
CA ASN A 164 2.60 11.81 -10.03
C ASN A 164 1.85 12.27 -8.77
N PHE A 165 0.53 12.42 -8.87
CA PHE A 165 -0.24 12.98 -7.77
C PHE A 165 -0.16 12.14 -6.49
N TRP A 166 0.22 10.88 -6.63
CA TRP A 166 0.30 9.99 -5.47
C TRP A 166 1.69 10.03 -4.84
N LEU A 167 2.64 10.68 -5.52
CA LEU A 167 4.02 10.71 -5.07
C LEU A 167 4.38 12.01 -4.38
N VAL A 168 3.85 13.13 -4.87
CA VAL A 168 4.21 14.44 -4.35
C VAL A 168 3.00 15.29 -3.94
N GLY A 169 1.82 14.70 -3.91
CA GLY A 169 0.60 15.46 -3.66
C GLY A 169 -0.10 15.82 -4.97
N PRO A 170 -1.33 16.34 -4.88
CA PRO A 170 -2.02 16.70 -3.64
C PRO A 170 -2.71 15.54 -2.91
N LEU A 171 -2.70 14.34 -3.49
CA LEU A 171 -3.44 13.22 -2.90
C LEU A 171 -2.78 12.78 -1.59
N LYS A 172 -3.57 12.66 -0.54
CA LYS A 172 -3.06 12.21 0.76
C LYS A 172 -4.07 11.26 1.38
N ILE A 173 -3.61 10.42 2.29
CA ILE A 173 -4.45 9.43 2.93
C ILE A 173 -3.90 9.10 4.32
N THR A 174 -4.76 8.71 5.25
CA THR A 174 -4.30 8.36 6.60
C THR A 174 -4.04 6.87 6.71
N PRO A 175 -3.23 6.47 7.70
CA PRO A 175 -3.04 5.02 7.89
C PRO A 175 -4.34 4.30 8.28
N GLN A 176 -5.23 4.98 8.99
CA GLN A 176 -6.55 4.44 9.28
C GLN A 176 -7.32 4.15 7.99
N GLN A 177 -7.26 5.08 7.05
CA GLN A 177 -7.95 4.89 5.77
C GLN A 177 -7.29 3.81 4.93
N GLU A 178 -5.96 3.68 5.03
CA GLU A 178 -5.26 2.67 4.23
C GLU A 178 -5.61 1.28 4.74
N ALA A 179 -5.63 1.12 6.07
CA ALA A 179 -6.01 -0.17 6.67
C ALA A 179 -7.46 -0.55 6.30
N GLN A 180 -8.35 0.43 6.34
CA GLN A 180 -9.72 0.16 5.95
C GLN A 180 -9.82 -0.24 4.48
N PHE A 181 -9.10 0.48 3.63
CA PHE A 181 -9.01 0.17 2.19
C PHE A 181 -8.57 -1.28 1.98
N ALA A 182 -7.51 -1.68 2.68
CA ALA A 182 -6.97 -3.04 2.53
C ALA A 182 -7.99 -4.08 3.00
N TYR A 183 -8.66 -3.78 4.11
CA TYR A 183 -9.68 -4.68 4.63
C TYR A 183 -10.81 -4.88 3.62
N LYS A 184 -11.27 -3.80 2.99
CA LYS A 184 -12.30 -3.93 1.97
C LYS A 184 -11.81 -4.67 0.73
N LEU A 185 -10.60 -4.36 0.29
CA LEU A 185 -10.01 -5.09 -0.85
C LEU A 185 -9.97 -6.59 -0.53
N ALA A 186 -9.42 -6.93 0.63
CA ALA A 186 -9.37 -8.32 1.07
C ALA A 186 -10.74 -8.99 1.08
N ASN A 187 -11.77 -8.25 1.50
CA ASN A 187 -13.11 -8.81 1.53
C ASN A 187 -13.87 -8.62 0.24
N LYS A 188 -13.21 -8.02 -0.75
CA LYS A 188 -13.84 -7.68 -2.05
C LYS A 188 -15.12 -6.87 -1.89
N THR A 189 -15.13 -5.92 -0.98
CA THR A 189 -16.29 -5.04 -0.83
C THR A 189 -15.97 -3.62 -1.29
N LEU A 190 -14.82 -3.40 -1.91
CA LEU A 190 -14.61 -2.12 -2.60
C LEU A 190 -15.61 -2.06 -3.75
N PRO A 191 -15.92 -0.85 -4.25
CA PRO A 191 -16.94 -0.77 -5.30
C PRO A 191 -16.35 -1.00 -6.71
N PHE A 192 -15.82 -2.20 -6.92
CA PHE A 192 -15.32 -2.65 -8.22
C PHE A 192 -15.84 -4.07 -8.43
N SER A 193 -15.81 -4.56 -9.67
CA SER A 193 -16.19 -5.93 -9.94
C SER A 193 -15.37 -6.89 -9.09
N PRO A 194 -16.02 -7.94 -8.55
CA PRO A 194 -15.30 -8.93 -7.75
C PRO A 194 -14.08 -9.53 -8.48
N LYS A 195 -14.18 -9.84 -9.77
CA LYS A 195 -13.05 -10.46 -10.47
C LYS A 195 -11.88 -9.49 -10.61
N VAL A 196 -12.19 -8.21 -10.73
CA VAL A 196 -11.14 -7.18 -10.76
C VAL A 196 -10.39 -7.13 -9.41
N GLN A 197 -11.15 -7.18 -8.33
CA GLN A 197 -10.56 -7.21 -7.00
C GLN A 197 -9.73 -8.49 -6.84
N ASP A 198 -10.24 -9.64 -7.32
CA ASP A 198 -9.50 -10.90 -7.35
CA ASP A 198 -9.46 -10.86 -7.24
C ASP A 198 -8.13 -10.75 -7.99
N GLU A 199 -8.13 -10.13 -9.17
CA GLU A 199 -6.90 -9.98 -9.95
C GLU A 199 -5.89 -9.08 -9.25
N VAL A 200 -6.36 -8.02 -8.61
CA VAL A 200 -5.43 -7.14 -7.90
C VAL A 200 -4.90 -7.82 -6.62
N GLN A 201 -5.76 -8.56 -5.94
CA GLN A 201 -5.29 -9.40 -4.82
C GLN A 201 -4.11 -10.29 -5.25
N SER A 202 -4.27 -10.94 -6.40
CA SER A 202 -3.24 -11.87 -6.88
C SER A 202 -1.91 -11.17 -7.04
N MET A 203 -1.94 -9.92 -7.50
CA MET A 203 -0.73 -9.11 -7.64
C MET A 203 -0.05 -8.74 -6.32
N LEU A 204 -0.83 -8.77 -5.24
CA LEU A 204 -0.33 -8.30 -3.94
C LEU A 204 0.12 -9.46 -3.05
N PHE A 205 -0.07 -10.70 -3.50
CA PHE A 205 0.35 -11.85 -2.70
C PHE A 205 1.86 -11.86 -2.46
N ILE A 206 2.26 -11.96 -1.20
CA ILE A 206 3.66 -12.00 -0.83
C ILE A 206 4.11 -13.43 -0.61
N GLU A 207 3.55 -14.07 0.41
CA GLU A 207 4.00 -15.40 0.80
C GLU A 207 2.99 -16.06 1.71
N GLU A 208 3.20 -17.34 1.96
CA GLU A 208 2.41 -18.06 2.93
C GLU A 208 3.32 -18.38 4.11
N LYS A 209 2.93 -17.93 5.30
CA LYS A 209 3.78 -18.10 6.48
C LYS A 209 2.99 -18.73 7.63
N ASN A 210 3.41 -19.93 8.03
CA ASN A 210 2.74 -20.69 9.08
C ASN A 210 1.24 -20.86 8.82
N GLY A 211 0.87 -21.14 7.57
CA GLY A 211 -0.52 -21.31 7.18
C GLY A 211 -1.29 -20.02 6.93
N ASN A 212 -0.66 -18.88 7.20
CA ASN A 212 -1.25 -17.57 6.91
C ASN A 212 -0.85 -17.05 5.54
N LYS A 213 -1.81 -16.52 4.78
CA LYS A 213 -1.48 -15.87 3.51
C LYS A 213 -1.30 -14.39 3.73
N ILE A 214 -0.16 -13.87 3.27
CA ILE A 214 0.14 -12.46 3.45
C ILE A 214 0.12 -11.73 2.12
N TYR A 215 -0.67 -10.65 2.10
CA TYR A 215 -0.82 -9.75 0.97
C TYR A 215 -0.35 -8.37 1.39
N ALA A 216 0.42 -7.68 0.55
CA ALA A 216 0.90 -6.35 0.96
C ALA A 216 1.43 -5.50 -0.17
N LYS A 217 1.36 -4.18 0.01
CA LYS A 217 1.96 -3.23 -0.89
C LYS A 217 2.80 -2.23 -0.09
N SER A 218 4.07 -2.09 -0.46
CA SER A 218 4.93 -1.12 0.20
C SER A 218 4.81 0.24 -0.49
N GLY A 219 5.20 1.28 0.23
CA GLY A 219 5.23 2.62 -0.32
C GLY A 219 6.40 3.36 0.30
N TRP A 220 7.03 4.22 -0.48
CA TRP A 220 8.08 5.06 0.06
C TRP A 220 8.03 6.41 -0.66
N GLY A 221 7.59 7.43 0.07
CA GLY A 221 7.51 8.76 -0.49
C GLY A 221 8.82 9.47 -0.24
N TRP A 222 9.77 9.28 -1.15
CA TRP A 222 11.09 9.86 -0.97
C TRP A 222 11.21 11.24 -1.64
N ASP A 223 10.17 11.66 -2.35
CA ASP A 223 10.14 12.98 -2.99
C ASP A 223 9.44 14.03 -2.13
N VAL A 224 9.10 13.68 -0.91
CA VAL A 224 8.55 14.66 0.03
C VAL A 224 9.40 14.68 1.28
N ASP A 225 9.26 15.76 2.06
CA ASP A 225 10.00 15.94 3.30
C ASP A 225 9.01 16.29 4.41
N PRO A 226 8.97 15.47 5.49
CA PRO A 226 9.80 14.28 5.69
C PRO A 226 9.33 13.10 4.84
N GLN A 227 10.23 12.18 4.54
CA GLN A 227 9.89 11.00 3.76
C GLN A 227 8.92 10.11 4.55
N VAL A 228 7.96 9.53 3.83
CA VAL A 228 7.00 8.63 4.47
C VAL A 228 7.24 7.20 3.99
N GLY A 229 7.20 6.25 4.91
CA GLY A 229 7.32 4.85 4.53
C GLY A 229 6.05 4.10 4.87
N TRP A 230 5.61 3.22 3.98
CA TRP A 230 4.35 2.49 4.13
C TRP A 230 4.53 0.99 3.95
N LEU A 231 3.72 0.21 4.65
CA LEU A 231 3.41 -1.16 4.26
C LEU A 231 1.96 -1.44 4.61
N THR A 232 1.13 -1.57 3.58
CA THR A 232 -0.30 -1.78 3.76
C THR A 232 -0.71 -3.12 3.19
N GLY A 233 -1.52 -3.87 3.92
CA GLY A 233 -1.93 -5.17 3.43
C GLY A 233 -2.84 -5.90 4.39
N TRP A 234 -2.81 -7.22 4.31
CA TRP A 234 -3.63 -8.03 5.18
C TRP A 234 -3.10 -9.45 5.27
N VAL A 235 -3.55 -10.13 6.31
CA VAL A 235 -3.27 -11.53 6.54
C VAL A 235 -4.58 -12.30 6.43
N VAL A 236 -4.58 -13.35 5.62
CA VAL A 236 -5.69 -14.31 5.66
C VAL A 236 -5.24 -15.45 6.55
N GLN A 237 -5.91 -15.64 7.67
CA GLN A 237 -5.53 -16.68 8.62
C GLN A 237 -6.13 -18.01 8.14
N PRO A 238 -5.70 -19.14 8.73
CA PRO A 238 -6.14 -20.42 8.18
C PRO A 238 -7.65 -20.61 8.02
N GLN A 239 -8.45 -20.12 8.96
CA GLN A 239 -9.90 -20.31 8.84
C GLN A 239 -10.57 -19.26 7.94
N GLY A 240 -9.78 -18.35 7.40
CA GLY A 240 -10.29 -17.38 6.45
C GLY A 240 -10.38 -15.95 6.97
N ASN A 241 -10.30 -15.79 8.29
CA ASN A 241 -10.36 -14.47 8.92
C ASN A 241 -9.34 -13.50 8.34
N ILE A 242 -9.78 -12.28 8.06
CA ILE A 242 -8.88 -11.29 7.50
C ILE A 242 -8.39 -10.31 8.57
N VAL A 243 -7.09 -10.06 8.60
CA VAL A 243 -6.52 -9.07 9.51
C VAL A 243 -5.80 -8.03 8.66
N ALA A 244 -6.37 -6.83 8.54
CA ALA A 244 -5.75 -5.80 7.71
C ALA A 244 -4.81 -4.95 8.55
N PHE A 245 -3.78 -4.41 7.91
CA PHE A 245 -2.81 -3.57 8.61
C PHE A 245 -2.31 -2.45 7.71
N SER A 246 -1.90 -1.35 8.34
CA SER A 246 -1.14 -0.33 7.65
C SER A 246 -0.03 0.19 8.56
N LEU A 247 1.21 -0.09 8.17
CA LEU A 247 2.36 0.50 8.81
C LEU A 247 2.71 1.82 8.16
N ASN A 248 2.99 2.84 8.98
CA ASN A 248 3.35 4.15 8.46
C ASN A 248 4.40 4.78 9.37
N LEU A 249 5.57 5.08 8.83
CA LEU A 249 6.62 5.70 9.65
C LEU A 249 7.40 6.70 8.84
N GLU A 250 8.17 7.53 9.52
CA GLU A 250 9.05 8.44 8.81
C GLU A 250 10.37 7.76 8.46
N MET A 251 10.71 7.74 7.17
CA MET A 251 11.95 7.14 6.72
C MET A 251 13.08 8.13 6.93
N LYS A 252 14.20 7.65 7.46
CA LYS A 252 15.34 8.49 7.72
C LYS A 252 16.61 7.86 7.18
N LYS A 253 17.62 8.71 6.95
CA LYS A 253 18.96 8.25 6.65
C LYS A 253 19.37 7.19 7.67
N GLY A 254 19.86 6.05 7.18
CA GLY A 254 20.38 5.02 8.06
C GLY A 254 19.33 4.00 8.42
N ILE A 255 18.10 4.27 8.03
CA ILE A 255 17.01 3.32 8.23
C ILE A 255 16.71 2.69 6.89
N PRO A 256 16.98 1.38 6.76
CA PRO A 256 16.86 0.67 5.49
C PRO A 256 15.40 0.38 5.15
N SER A 257 15.09 0.18 3.87
CA SER A 257 13.69 0.00 3.49
C SER A 257 13.11 -1.30 4.08
N SER A 258 13.98 -2.28 4.35
CA SER A 258 13.54 -3.55 4.93
C SER A 258 12.88 -3.39 6.30
N VAL A 259 13.08 -2.24 6.96
CA VAL A 259 12.47 -1.99 8.28
C VAL A 259 10.94 -2.09 8.26
N ARG A 260 10.34 -1.77 7.12
CA ARG A 260 8.88 -1.73 7.02
C ARG A 260 8.32 -3.14 7.22
N LYS A 261 8.80 -4.10 6.44
CA LYS A 261 8.35 -5.47 6.60
C LYS A 261 8.82 -6.04 7.95
N GLU A 262 10.05 -5.72 8.32
CA GLU A 262 10.57 -6.21 9.60
C GLU A 262 9.65 -5.84 10.77
N ILE A 263 9.43 -4.54 10.96
CA ILE A 263 8.59 -4.07 12.07
C ILE A 263 7.17 -4.62 11.96
N THR A 264 6.63 -4.66 10.74
CA THR A 264 5.27 -5.13 10.53
C THR A 264 5.13 -6.58 10.98
N TYR A 265 6.05 -7.43 10.52
CA TYR A 265 5.98 -8.85 10.86
C TYR A 265 6.18 -9.11 12.35
N LYS A 266 7.16 -8.46 12.98
CA LYS A 266 7.38 -8.79 14.40
C LYS A 266 6.24 -8.21 15.25
N SER A 267 5.66 -7.09 14.82
CA SER A 267 4.47 -6.58 15.48
C SER A 267 3.31 -7.56 15.34
N LEU A 268 3.13 -8.11 14.13
CA LEU A 268 2.06 -9.08 13.90
C LEU A 268 2.28 -10.36 14.71
N GLU A 269 3.53 -10.79 14.85
CA GLU A 269 3.85 -11.96 15.66
C GLU A 269 3.56 -11.70 17.14
N GLN A 270 3.89 -10.50 17.59
CA GLN A 270 3.68 -10.11 18.97
C GLN A 270 2.17 -10.04 19.31
N LEU A 271 1.35 -9.70 18.32
CA LEU A 271 -0.10 -9.65 18.51
C LEU A 271 -0.75 -11.02 18.29
N GLY A 272 0.06 -12.03 18.02
CA GLY A 272 -0.44 -13.37 17.79
C GLY A 272 -1.13 -13.58 16.45
N ILE A 273 -0.96 -12.63 15.54
CA ILE A 273 -1.61 -12.69 14.24
C ILE A 273 -0.80 -13.52 13.22
N LEU A 274 0.52 -13.50 13.34
CA LEU A 274 1.36 -14.35 12.48
C LEU A 274 1.95 -15.51 13.27
#